data_4UVS
#
_entry.id   4UVS
#
_cell.length_a   91.450
_cell.length_b   98.680
_cell.length_c   119.210
_cell.angle_alpha   90.00
_cell.angle_beta   90.00
_cell.angle_gamma   90.00
#
_symmetry.space_group_name_H-M   'C 2 2 21'
#
loop_
_entity.id
_entity.type
_entity.pdbx_description
1 polymer TANKYRASE-2
2 non-polymer 'ZINC ION'
3 non-polymer 'SULFATE ION'
4 non-polymer 5-amino-3-pentylisoquinolin-1(2H)-one
5 water water
#
_entity_poly.entity_id   1
_entity_poly.type   'polypeptide(L)'
_entity_poly.pdbx_seq_one_letter_code
;MHHHHHHSSGVDLGTENLYFQSMLNTSGSGTILIDLSPDDKEFQSVEEEMQSTVREHRDGGHAGGIFNRYNILKIQKVCN
KKLWERYTHRRKEVSEENHNHANERMLFHGSPFVNAIIHKGFDERHAYIGGMFGAGIYFAENSSKSNQYVYGIGGGTGCP
VHKDRSCYICHRQLLFCRVTLGKSFLQFSAMKMAHSPPGHHSVTGRPSVNGLALAEYVIYRGEQAYPEYLITYQIMRPEG
;
_entity_poly.pdbx_strand_id   A,C
#
loop_
_chem_comp.id
_chem_comp.type
_chem_comp.name
_chem_comp.formula
R4E non-polymer 5-amino-3-pentylisoquinolin-1(2H)-one 'C14 H18 N2 O'
SO4 non-polymer 'SULFATE ION' 'O4 S -2'
ZN non-polymer 'ZINC ION' 'Zn 2'
#
# COMPACT_ATOMS: atom_id res chain seq x y z
N SER A 29 19.98 -11.33 -30.67
CA SER A 29 19.74 -10.10 -29.86
C SER A 29 21.04 -9.31 -29.53
N GLY A 30 22.16 -10.02 -29.48
CA GLY A 30 23.41 -9.41 -29.03
C GLY A 30 23.72 -9.71 -27.57
N THR A 31 22.78 -10.28 -26.82
CA THR A 31 23.04 -10.55 -25.40
C THR A 31 23.76 -11.88 -25.24
N ILE A 32 24.85 -11.88 -24.47
CA ILE A 32 25.42 -13.12 -23.97
C ILE A 32 25.46 -13.12 -22.43
N LEU A 33 25.30 -14.30 -21.85
CA LEU A 33 25.31 -14.50 -20.39
C LEU A 33 26.58 -15.26 -19.97
N ILE A 34 27.39 -14.65 -19.10
CA ILE A 34 28.64 -15.26 -18.61
C ILE A 34 28.44 -15.69 -17.18
N ASP A 35 28.62 -16.98 -16.92
CA ASP A 35 28.47 -17.53 -15.55
C ASP A 35 29.58 -17.08 -14.66
N LEU A 36 29.26 -16.62 -13.45
CA LEU A 36 30.32 -16.29 -12.49
C LEU A 36 30.58 -17.50 -11.64
N SER A 37 31.83 -17.70 -11.26
CA SER A 37 32.20 -18.77 -10.35
C SER A 37 31.85 -18.34 -8.91
N PRO A 38 31.42 -19.29 -8.06
CA PRO A 38 31.18 -18.99 -6.66
C PRO A 38 32.41 -18.50 -5.91
N ASP A 39 33.60 -18.80 -6.43
CA ASP A 39 34.86 -18.31 -5.88
C ASP A 39 35.17 -16.87 -6.23
N ASP A 40 34.47 -16.31 -7.21
CA ASP A 40 34.73 -14.96 -7.72
C ASP A 40 34.14 -13.94 -6.73
N LYS A 41 34.93 -12.92 -6.39
CA LYS A 41 34.54 -11.91 -5.41
C LYS A 41 33.24 -11.20 -5.82
N GLU A 42 33.00 -11.16 -7.13
CA GLU A 42 31.86 -10.53 -7.72
C GLU A 42 30.58 -11.36 -7.48
N PHE A 43 30.72 -12.68 -7.49
CA PHE A 43 29.62 -13.59 -7.19
C PHE A 43 29.28 -13.40 -5.72
N GLN A 44 30.31 -13.36 -4.89
CA GLN A 44 30.11 -13.29 -3.44
C GLN A 44 29.45 -11.97 -3.01
N SER A 45 29.82 -10.85 -3.64
CA SER A 45 29.26 -9.56 -3.24
C SER A 45 27.80 -9.39 -3.72
N VAL A 46 27.46 -9.90 -4.90
CA VAL A 46 26.06 -9.94 -5.37
C VAL A 46 25.19 -10.87 -4.52
N GLU A 47 25.68 -12.06 -4.19
CA GLU A 47 24.93 -12.95 -3.30
C GLU A 47 24.70 -12.24 -1.97
N GLU A 48 25.72 -11.61 -1.40
CA GLU A 48 25.55 -10.97 -0.09
C GLU A 48 24.45 -9.86 -0.10
N GLU A 49 24.39 -9.08 -1.18
CA GLU A 49 23.33 -8.08 -1.33
C GLU A 49 21.92 -8.74 -1.44
N MET A 50 21.80 -9.84 -2.18
CA MET A 50 20.56 -10.64 -2.20
C MET A 50 20.13 -11.07 -0.81
N GLN A 51 21.03 -11.72 -0.10
CA GLN A 51 20.69 -12.36 1.18
C GLN A 51 20.44 -11.32 2.28
N SER A 52 21.25 -10.25 2.32
CA SER A 52 21.20 -9.31 3.44
C SER A 52 20.05 -8.33 3.35
N THR A 53 19.37 -8.27 2.20
CA THR A 53 18.25 -7.36 2.03
C THR A 53 16.88 -8.07 2.03
N VAL A 54 16.83 -9.33 2.49
CA VAL A 54 15.55 -10.00 2.80
C VAL A 54 14.90 -9.38 4.04
N ARG A 55 13.60 -9.10 3.96
CA ARG A 55 12.81 -8.70 5.14
C ARG A 55 11.51 -9.48 5.14
N GLU A 56 10.79 -9.39 6.26
CA GLU A 56 9.41 -9.86 6.35
C GLU A 56 8.47 -8.83 5.71
N HIS A 57 7.40 -9.35 5.13
CA HIS A 57 6.47 -8.51 4.40
C HIS A 57 5.13 -8.49 5.11
N ARG A 58 4.37 -7.43 4.87
CA ARG A 58 3.13 -7.21 5.61
C ARG A 58 2.02 -8.18 5.21
N ASP A 59 2.18 -8.84 4.05
CA ASP A 59 1.24 -9.86 3.60
C ASP A 59 1.46 -11.26 4.19
N GLY A 60 2.39 -11.37 5.14
CA GLY A 60 2.72 -12.65 5.79
C GLY A 60 3.30 -13.72 4.85
N GLY A 61 3.73 -13.31 3.65
CA GLY A 61 4.27 -14.23 2.66
C GLY A 61 3.34 -14.56 1.51
N HIS A 62 2.19 -13.90 1.44
CA HIS A 62 1.16 -14.27 0.47
C HIS A 62 1.69 -14.20 -0.96
N ALA A 63 2.32 -13.09 -1.33
CA ALA A 63 2.71 -12.83 -2.71
C ALA A 63 3.99 -13.58 -3.07
N GLY A 64 4.98 -13.53 -2.18
CA GLY A 64 6.31 -13.97 -2.49
C GLY A 64 6.75 -15.25 -1.85
N GLY A 65 5.98 -15.73 -0.86
CA GLY A 65 6.34 -16.92 -0.09
C GLY A 65 6.87 -16.64 1.30
N ILE A 66 6.99 -17.70 2.10
CA ILE A 66 7.55 -17.63 3.46
C ILE A 66 9.01 -18.14 3.43
N PHE A 67 9.96 -17.26 3.75
CA PHE A 67 11.41 -17.57 3.74
C PHE A 67 12.18 -16.46 4.45
N ASN A 68 13.37 -16.80 4.97
CA ASN A 68 14.32 -15.85 5.52
C ASN A 68 15.58 -15.70 4.69
N ARG A 69 15.78 -16.63 3.77
CA ARG A 69 16.97 -16.62 2.93
C ARG A 69 16.76 -17.41 1.64
N TYR A 70 17.72 -17.32 0.74
CA TYR A 70 17.68 -18.00 -0.55
C TYR A 70 18.76 -19.10 -0.71
N ASN A 71 18.47 -20.07 -1.58
CA ASN A 71 19.48 -20.96 -2.16
C ASN A 71 19.85 -20.39 -3.53
N ILE A 72 21.02 -19.78 -3.64
CA ILE A 72 21.46 -19.18 -4.91
C ILE A 72 22.02 -20.30 -5.76
N LEU A 73 21.52 -20.44 -6.98
CA LEU A 73 21.88 -21.55 -7.87
C LEU A 73 22.86 -21.08 -8.97
N LYS A 74 22.72 -19.83 -9.41
CA LYS A 74 23.58 -19.28 -10.45
C LYS A 74 23.51 -17.75 -10.49
N ILE A 75 24.65 -17.11 -10.79
CA ILE A 75 24.71 -15.66 -11.05
C ILE A 75 25.45 -15.44 -12.36
N GLN A 76 24.78 -14.81 -13.32
CA GLN A 76 25.33 -14.55 -14.66
C GLN A 76 25.42 -13.06 -14.94
N LYS A 77 26.54 -12.63 -15.54
CA LYS A 77 26.68 -11.27 -16.01
C LYS A 77 26.01 -11.15 -17.37
N VAL A 78 25.23 -10.09 -17.54
CA VAL A 78 24.48 -9.86 -18.76
C VAL A 78 25.30 -8.87 -19.60
N CYS A 79 25.70 -9.29 -20.80
CA CYS A 79 26.58 -8.49 -21.66
C CYS A 79 25.91 -8.23 -22.99
N ASN A 80 25.61 -6.96 -23.24
CA ASN A 80 25.03 -6.50 -24.49
C ASN A 80 25.54 -5.08 -24.76
N LYS A 81 26.40 -4.95 -25.77
CA LYS A 81 27.04 -3.67 -26.08
C LYS A 81 26.02 -2.58 -26.44
N LYS A 82 25.05 -2.91 -27.29
CA LYS A 82 24.03 -1.94 -27.69
C LYS A 82 23.27 -1.42 -26.47
N LEU A 83 22.84 -2.34 -25.60
CA LEU A 83 22.02 -1.95 -24.45
C LEU A 83 22.85 -1.17 -23.43
N TRP A 84 24.14 -1.50 -23.31
CA TRP A 84 25.02 -0.81 -22.39
C TRP A 84 25.26 0.64 -22.85
N GLU A 85 25.48 0.82 -24.14
CA GLU A 85 25.74 2.14 -24.69
C GLU A 85 24.47 3.00 -24.67
N ARG A 86 23.30 2.38 -24.86
CA ARG A 86 22.02 3.04 -24.61
C ARG A 86 21.94 3.57 -23.16
N TYR A 87 22.34 2.75 -22.19
CA TYR A 87 22.34 3.17 -20.76
C TYR A 87 23.32 4.32 -20.49
N THR A 88 24.59 4.17 -20.89
CA THR A 88 25.62 5.19 -20.61
C THR A 88 25.35 6.53 -21.33
N HIS A 89 24.76 6.47 -22.52
CA HIS A 89 24.33 7.70 -23.22
C HIS A 89 23.33 8.50 -22.35
N ARG A 90 22.32 7.81 -21.83
CA ARG A 90 21.29 8.45 -21.01
C ARG A 90 21.86 8.89 -19.65
N ARG A 91 22.74 8.09 -19.07
CA ARG A 91 23.41 8.46 -17.83
C ARG A 91 24.16 9.81 -17.95
N LYS A 92 24.86 9.99 -19.07
CA LYS A 92 25.58 11.25 -19.32
C LYS A 92 24.61 12.42 -19.46
N GLU A 93 23.46 12.22 -20.12
CA GLU A 93 22.45 13.27 -20.20
C GLU A 93 21.95 13.71 -18.81
N VAL A 94 21.58 12.73 -17.98
CA VAL A 94 21.10 13.01 -16.62
C VAL A 94 22.15 13.73 -15.78
N SER A 95 23.35 13.16 -15.79
CA SER A 95 24.48 13.72 -15.11
C SER A 95 24.66 15.20 -15.43
N GLU A 96 24.62 15.54 -16.72
CA GLU A 96 24.86 16.91 -17.12
C GLU A 96 23.72 17.84 -16.69
N GLU A 97 22.53 17.28 -16.46
CA GLU A 97 21.38 18.02 -15.91
C GLU A 97 21.40 18.15 -14.36
N ASN A 98 22.36 17.50 -13.71
CA ASN A 98 22.37 17.35 -12.24
C ASN A 98 23.79 17.49 -11.71
N HIS A 99 24.43 18.62 -12.04
CA HIS A 99 25.80 18.94 -11.53
C HIS A 99 26.74 17.75 -11.56
N ASN A 100 26.76 17.06 -12.69
CA ASN A 100 27.66 15.92 -12.95
C ASN A 100 27.49 14.78 -11.95
N HIS A 101 26.22 14.49 -11.63
CA HIS A 101 25.86 13.47 -10.66
C HIS A 101 24.72 12.61 -11.20
N ALA A 102 25.02 11.41 -11.68
CA ALA A 102 24.03 10.44 -12.17
C ALA A 102 23.16 9.89 -11.05
N ASN A 103 23.68 9.88 -9.82
CA ASN A 103 22.98 9.30 -8.67
C ASN A 103 22.65 7.83 -9.00
N GLU A 104 23.70 7.07 -9.33
CA GLU A 104 23.58 5.66 -9.74
C GLU A 104 23.52 4.69 -8.56
N ARG A 105 22.57 3.76 -8.63
CA ARG A 105 22.36 2.76 -7.60
C ARG A 105 22.37 1.34 -8.21
N MET A 106 22.60 0.33 -7.39
CA MET A 106 22.37 -1.07 -7.77
C MET A 106 21.12 -1.56 -7.03
N LEU A 107 20.09 -1.96 -7.79
CA LEU A 107 18.75 -2.24 -7.26
C LEU A 107 18.16 -3.50 -7.89
N PHE A 108 17.24 -4.16 -7.18
CA PHE A 108 16.59 -5.37 -7.69
C PHE A 108 15.39 -5.10 -8.53
N HIS A 109 15.16 -5.98 -9.51
CA HIS A 109 13.95 -5.97 -10.29
C HIS A 109 13.45 -7.40 -10.44
N GLY A 110 12.17 -7.61 -10.14
CA GLY A 110 11.47 -8.88 -10.38
C GLY A 110 10.32 -8.75 -11.35
N SER A 111 10.19 -9.72 -12.26
CA SER A 111 9.20 -9.63 -13.33
C SER A 111 8.98 -10.94 -14.05
N PRO A 112 7.74 -11.19 -14.50
CA PRO A 112 7.54 -12.30 -15.43
C PRO A 112 8.30 -12.10 -16.74
N PHE A 113 8.74 -10.88 -17.03
CA PHE A 113 9.36 -10.55 -18.34
C PHE A 113 10.89 -10.45 -18.30
N VAL A 114 11.49 -11.03 -17.27
CA VAL A 114 12.95 -11.01 -17.11
C VAL A 114 13.66 -11.46 -18.39
N ASN A 115 13.13 -12.46 -19.08
CA ASN A 115 13.82 -12.96 -20.28
C ASN A 115 13.71 -12.01 -21.46
N ALA A 116 12.59 -11.30 -21.62
CA ALA A 116 12.56 -10.23 -22.62
C ALA A 116 13.51 -9.06 -22.26
N ILE A 117 13.59 -8.73 -20.98
CA ILE A 117 14.40 -7.59 -20.53
C ILE A 117 15.88 -7.80 -20.85
N ILE A 118 16.41 -8.99 -20.59
CA ILE A 118 17.84 -9.21 -20.80
C ILE A 118 18.23 -9.17 -22.30
N HIS A 119 17.28 -9.48 -23.18
CA HIS A 119 17.55 -9.49 -24.63
C HIS A 119 17.26 -8.17 -25.32
N LYS A 120 16.22 -7.47 -24.90
CA LYS A 120 15.81 -6.24 -25.60
C LYS A 120 15.87 -4.96 -24.78
N GLY A 121 16.16 -5.07 -23.48
CA GLY A 121 16.26 -3.90 -22.61
C GLY A 121 14.91 -3.57 -21.98
N PHE A 122 14.94 -2.72 -20.95
CA PHE A 122 13.70 -2.19 -20.35
C PHE A 122 12.98 -1.20 -21.29
N ASP A 123 11.66 -1.32 -21.33
CA ASP A 123 10.84 -0.37 -22.08
C ASP A 123 9.42 -0.33 -21.47
N GLU A 124 8.55 0.48 -22.07
CA GLU A 124 7.13 0.60 -21.62
C GLU A 124 6.38 -0.71 -21.35
N ARG A 125 6.72 -1.80 -22.05
CA ARG A 125 6.06 -3.09 -21.80
C ARG A 125 6.32 -3.66 -20.40
N HIS A 126 7.37 -3.16 -19.74
CA HIS A 126 7.78 -3.68 -18.42
C HIS A 126 7.35 -2.76 -17.25
N ALA A 127 6.58 -1.71 -17.57
CA ALA A 127 6.08 -0.77 -16.58
C ALA A 127 5.01 -1.43 -15.73
N TYR A 128 4.83 -0.93 -14.51
CA TYR A 128 3.73 -1.35 -13.63
C TYR A 128 2.67 -0.26 -13.73
N ILE A 129 1.68 -0.48 -14.60
CA ILE A 129 0.68 0.54 -14.91
C ILE A 129 -0.04 0.98 -13.63
N GLY A 130 -0.38 0.03 -12.77
CA GLY A 130 -1.11 0.32 -11.55
C GLY A 130 -0.30 0.66 -10.29
N GLY A 131 0.99 0.97 -10.42
CA GLY A 131 1.84 1.17 -9.24
C GLY A 131 1.53 2.44 -8.45
N MET A 132 1.95 2.48 -7.20
CA MET A 132 1.62 3.59 -6.28
C MET A 132 2.20 4.95 -6.75
N PHE A 133 3.22 4.92 -7.61
CA PHE A 133 3.83 6.15 -8.12
C PHE A 133 3.63 6.29 -9.61
N GLY A 134 2.56 5.69 -10.11
CA GLY A 134 2.17 5.82 -11.52
C GLY A 134 2.89 4.83 -12.43
N ALA A 135 2.57 4.93 -13.72
CA ALA A 135 3.03 3.96 -14.71
C ALA A 135 4.52 4.18 -15.01
N GLY A 136 5.38 3.42 -14.35
CA GLY A 136 6.82 3.46 -14.61
C GLY A 136 7.44 2.11 -14.31
N ILE A 137 8.76 2.07 -14.29
CA ILE A 137 9.48 0.84 -14.03
C ILE A 137 10.04 0.88 -12.61
N TYR A 138 9.68 -0.13 -11.83
CA TYR A 138 9.89 -0.16 -10.40
C TYR A 138 11.09 -1.01 -10.01
N PHE A 139 11.88 -0.50 -9.07
CA PHE A 139 13.02 -1.20 -8.50
C PHE A 139 13.00 -1.14 -6.95
N ALA A 140 13.63 -2.13 -6.32
CA ALA A 140 13.66 -2.25 -4.86
C ALA A 140 15.07 -2.39 -4.31
N GLU A 141 15.28 -1.80 -3.14
CA GLU A 141 16.47 -2.13 -2.33
C GLU A 141 16.36 -3.50 -1.67
N ASN A 142 15.14 -3.89 -1.25
CA ASN A 142 14.93 -5.20 -0.65
C ASN A 142 14.76 -6.28 -1.76
N SER A 143 15.67 -7.24 -1.84
CA SER A 143 15.49 -8.33 -2.81
C SER A 143 14.14 -9.04 -2.63
N SER A 144 13.70 -9.17 -1.37
CA SER A 144 12.44 -9.84 -1.04
C SER A 144 11.20 -9.11 -1.57
N LYS A 145 11.29 -7.78 -1.73
CA LYS A 145 10.22 -7.04 -2.45
C LYS A 145 10.11 -7.39 -3.95
N SER A 146 11.23 -7.36 -4.68
CA SER A 146 11.24 -7.82 -6.07
C SER A 146 10.81 -9.27 -6.21
N ASN A 147 11.16 -10.10 -5.25
CA ASN A 147 10.74 -11.50 -5.27
C ASN A 147 9.21 -11.65 -5.28
N GLN A 148 8.46 -10.67 -4.76
CA GLN A 148 7.02 -10.75 -4.76
C GLN A 148 6.44 -10.66 -6.16
N TYR A 149 7.22 -10.21 -7.13
CA TYR A 149 6.71 -9.99 -8.48
C TYR A 149 7.22 -10.98 -9.55
N VAL A 150 8.03 -11.95 -9.14
CA VAL A 150 8.61 -12.96 -10.04
C VAL A 150 7.52 -13.63 -10.88
N TYR A 151 6.40 -13.96 -10.22
CA TYR A 151 5.31 -14.67 -10.87
C TYR A 151 4.12 -13.74 -11.15
N GLY A 152 4.37 -12.45 -11.19
CA GLY A 152 3.36 -11.48 -11.58
C GLY A 152 2.98 -10.55 -10.43
N ILE A 153 2.13 -9.58 -10.74
CA ILE A 153 1.60 -8.65 -9.75
C ILE A 153 0.90 -9.45 -8.65
N GLY A 154 1.19 -9.14 -7.40
CA GLY A 154 0.60 -9.89 -6.29
C GLY A 154 1.10 -11.32 -6.20
N GLY A 155 2.11 -11.68 -6.98
CA GLY A 155 2.57 -13.07 -7.08
C GLY A 155 1.79 -13.94 -8.06
N GLY A 156 0.86 -13.32 -8.79
CA GLY A 156 -0.02 -14.02 -9.74
C GLY A 156 -0.63 -15.27 -9.13
N THR A 157 -0.55 -16.37 -9.87
CA THR A 157 -1.01 -17.66 -9.39
C THR A 157 0.14 -18.54 -8.91
N GLY A 158 1.31 -17.95 -8.65
CA GLY A 158 2.45 -18.71 -8.22
C GLY A 158 3.16 -19.37 -9.38
N CYS A 159 4.04 -20.31 -9.05
CA CYS A 159 4.89 -20.98 -10.04
C CYS A 159 4.01 -21.67 -11.10
N PRO A 160 4.46 -21.67 -12.36
CA PRO A 160 3.70 -22.35 -13.43
C PRO A 160 3.43 -23.83 -13.16
N VAL A 161 4.33 -24.52 -12.46
CA VAL A 161 4.28 -25.98 -12.33
C VAL A 161 3.34 -26.42 -11.21
N HIS A 162 3.49 -25.85 -10.01
CA HIS A 162 2.67 -26.22 -8.86
C HIS A 162 1.58 -25.20 -8.47
N LYS A 163 1.47 -24.07 -9.18
CA LYS A 163 0.55 -22.97 -8.82
C LYS A 163 0.70 -22.51 -7.36
N ASP A 164 1.94 -22.39 -6.90
CA ASP A 164 2.26 -22.13 -5.50
C ASP A 164 3.15 -20.89 -5.41
N ARG A 165 2.61 -19.81 -4.84
CA ARG A 165 3.38 -18.58 -4.64
C ARG A 165 4.53 -18.73 -3.66
N SER A 166 4.46 -19.75 -2.79
CA SER A 166 5.55 -20.08 -1.87
C SER A 166 6.31 -21.34 -2.30
N CYS A 167 6.39 -21.63 -3.60
CA CYS A 167 7.08 -22.87 -4.02
C CYS A 167 8.55 -22.87 -3.60
N TYR A 168 8.97 -23.95 -2.95
CA TYR A 168 10.37 -24.14 -2.56
C TYR A 168 11.18 -24.98 -3.54
N ILE A 169 10.54 -25.48 -4.60
CA ILE A 169 11.18 -26.39 -5.56
C ILE A 169 11.59 -25.66 -6.83
N CYS A 170 10.64 -24.93 -7.41
CA CYS A 170 10.86 -24.28 -8.70
C CYS A 170 11.90 -23.14 -8.64
N HIS A 171 12.63 -22.99 -9.74
CA HIS A 171 13.71 -22.03 -9.89
C HIS A 171 13.15 -20.66 -10.27
N ARG A 172 13.60 -19.64 -9.55
CA ARG A 172 13.19 -18.26 -9.76
C ARG A 172 14.34 -17.46 -10.31
N GLN A 173 14.04 -16.35 -10.98
CA GLN A 173 15.06 -15.42 -11.45
C GLN A 173 14.76 -13.97 -11.07
N LEU A 174 15.77 -13.27 -10.56
CA LEU A 174 15.72 -11.82 -10.34
C LEU A 174 16.82 -11.11 -11.14
N LEU A 175 16.62 -9.83 -11.44
CA LEU A 175 17.69 -8.97 -11.99
C LEU A 175 18.27 -8.03 -10.92
N PHE A 176 19.60 -7.89 -10.88
CA PHE A 176 20.27 -6.90 -10.04
C PHE A 176 20.78 -5.85 -11.04
N CYS A 177 20.26 -4.62 -10.95
CA CYS A 177 20.38 -3.66 -12.04
C CYS A 177 21.10 -2.40 -11.67
N ARG A 178 21.74 -1.80 -12.66
CA ARG A 178 22.39 -0.50 -12.50
C ARG A 178 21.37 0.56 -12.92
N VAL A 179 21.03 1.49 -12.03
CA VAL A 179 19.89 2.39 -12.28
C VAL A 179 20.30 3.85 -12.05
N THR A 180 19.97 4.72 -13.00
CA THR A 180 20.31 6.13 -12.88
C THR A 180 19.11 6.85 -12.30
N LEU A 181 19.23 7.42 -11.10
CA LEU A 181 18.10 8.15 -10.48
C LEU A 181 18.10 9.64 -10.77
N GLY A 182 19.27 10.23 -11.02
CA GLY A 182 19.42 11.67 -11.14
C GLY A 182 18.79 12.41 -9.95
N LYS A 183 18.05 13.48 -10.25
CA LYS A 183 17.33 14.20 -9.20
C LYS A 183 16.02 13.48 -8.96
N SER A 184 15.85 12.89 -7.77
CA SER A 184 14.71 12.02 -7.49
C SER A 184 13.66 12.76 -6.65
N PHE A 185 12.40 12.64 -7.04
CA PHE A 185 11.29 13.23 -6.27
C PHE A 185 10.95 12.35 -5.07
N LEU A 186 11.03 12.92 -3.86
CA LEU A 186 10.82 12.15 -2.63
C LEU A 186 9.34 12.12 -2.26
N GLN A 187 8.78 10.91 -2.21
CA GLN A 187 7.40 10.68 -1.84
C GLN A 187 7.42 9.93 -0.51
N PHE A 188 6.91 10.55 0.55
CA PHE A 188 6.78 9.87 1.84
C PHE A 188 5.52 9.05 1.62
N SER A 189 5.58 7.76 1.92
CA SER A 189 4.53 6.83 1.50
CA SER A 189 4.52 6.83 1.50
C SER A 189 4.20 5.83 2.60
N ALA A 190 2.91 5.49 2.69
CA ALA A 190 2.40 4.54 3.68
C ALA A 190 2.50 3.11 3.13
N MET A 193 3.56 4.83 -20.52
CA MET A 193 4.36 5.24 -19.36
C MET A 193 4.12 6.72 -19.00
N ALA A 194 4.04 7.04 -17.70
CA ALA A 194 3.88 8.44 -17.27
C ALA A 194 5.21 9.17 -17.43
N HIS A 195 5.26 10.42 -16.98
CA HIS A 195 6.49 11.20 -17.02
C HIS A 195 6.97 11.43 -15.60
N SER A 196 8.28 11.63 -15.47
CA SER A 196 8.86 12.07 -14.22
C SER A 196 8.22 13.39 -13.82
N PRO A 197 8.10 13.64 -12.51
CA PRO A 197 7.65 14.97 -12.13
C PRO A 197 8.55 16.04 -12.76
N PRO A 198 7.98 17.18 -13.16
CA PRO A 198 8.85 18.22 -13.76
C PRO A 198 10.05 18.58 -12.88
N GLY A 199 11.22 18.67 -13.50
CA GLY A 199 12.45 19.00 -12.76
C GLY A 199 13.18 17.81 -12.15
N HIS A 200 12.67 16.60 -12.37
CA HIS A 200 13.18 15.37 -11.73
C HIS A 200 13.41 14.24 -12.75
N HIS A 201 14.26 13.27 -12.41
CA HIS A 201 14.56 12.13 -13.30
C HIS A 201 14.02 10.78 -12.81
N SER A 202 13.46 10.77 -11.60
CA SER A 202 12.94 9.55 -10.99
C SER A 202 12.04 9.91 -9.78
N VAL A 203 11.40 8.90 -9.19
CA VAL A 203 10.67 9.07 -7.92
C VAL A 203 11.24 8.07 -6.90
N THR A 204 11.39 8.52 -5.65
CA THR A 204 11.74 7.65 -4.53
C THR A 204 10.52 7.46 -3.62
N GLY A 205 10.18 6.19 -3.37
CA GLY A 205 9.15 5.84 -2.43
C GLY A 205 9.79 5.55 -1.09
N ARG A 206 9.69 6.52 -0.18
CA ARG A 206 10.27 6.44 1.15
C ARG A 206 9.27 5.78 2.11
N PRO A 207 9.65 4.69 2.73
CA PRO A 207 8.73 4.06 3.66
C PRO A 207 8.44 4.95 4.89
N SER A 208 7.14 5.21 5.18
CA SER A 208 6.71 6.06 6.34
C SER A 208 5.84 5.37 7.44
N VAL A 209 5.84 4.03 7.46
CA VAL A 209 5.04 3.30 8.46
C VAL A 209 5.82 2.07 8.97
N ASN A 210 6.17 1.17 8.04
CA ASN A 210 7.00 0.01 8.34
C ASN A 210 8.45 0.46 8.47
N GLY A 211 8.88 0.60 9.73
CA GLY A 211 10.25 0.98 10.02
C GLY A 211 11.33 0.04 9.56
N LEU A 212 11.01 -1.17 9.10
CA LEU A 212 12.09 -2.06 8.59
C LEU A 212 12.25 -2.05 7.04
N ALA A 213 11.27 -1.46 6.33
CA ALA A 213 11.22 -1.52 4.86
C ALA A 213 12.30 -0.62 4.29
N LEU A 214 12.99 -1.07 3.24
CA LEU A 214 13.90 -0.19 2.49
C LEU A 214 13.13 0.57 1.38
N ALA A 215 13.78 1.57 0.80
CA ALA A 215 13.21 2.37 -0.27
C ALA A 215 12.96 1.59 -1.58
N GLU A 216 11.99 2.10 -2.34
CA GLU A 216 11.66 1.63 -3.70
C GLU A 216 11.77 2.84 -4.64
N TYR A 217 12.05 2.59 -5.91
CA TYR A 217 12.30 3.68 -6.85
C TYR A 217 11.62 3.40 -8.17
N VAL A 218 11.28 4.47 -8.89
CA VAL A 218 10.59 4.37 -10.15
C VAL A 218 11.30 5.27 -11.16
N ILE A 219 11.59 4.72 -12.34
CA ILE A 219 12.05 5.51 -13.49
C ILE A 219 10.97 5.44 -14.57
N TYR A 220 10.98 6.44 -15.44
CA TYR A 220 9.96 6.57 -16.48
C TYR A 220 10.57 6.49 -17.89
N ARG A 221 11.82 6.04 -17.96
CA ARG A 221 12.51 5.82 -19.23
C ARG A 221 13.36 4.58 -19.06
N GLY A 222 13.14 3.61 -19.94
CA GLY A 222 13.83 2.32 -19.89
C GLY A 222 15.33 2.43 -20.00
N GLU A 223 15.80 3.47 -20.67
CA GLU A 223 17.23 3.71 -20.87
C GLU A 223 17.98 4.04 -19.60
N GLN A 224 17.27 4.33 -18.50
CA GLN A 224 17.90 4.66 -17.21
C GLN A 224 18.21 3.46 -16.32
N ALA A 225 18.11 2.25 -16.87
CA ALA A 225 18.51 1.05 -16.15
C ALA A 225 19.21 0.07 -17.09
N TYR A 226 20.18 -0.65 -16.56
CA TYR A 226 20.84 -1.75 -17.27
C TYR A 226 20.77 -3.05 -16.42
N PRO A 227 20.26 -4.13 -17.00
CA PRO A 227 20.08 -5.36 -16.25
C PRO A 227 21.38 -6.15 -16.15
N GLU A 228 22.24 -5.81 -15.19
CA GLU A 228 23.63 -6.27 -15.15
C GLU A 228 23.84 -7.72 -14.69
N TYR A 229 23.06 -8.18 -13.72
CA TYR A 229 23.17 -9.56 -13.26
C TYR A 229 21.84 -10.26 -13.31
N LEU A 230 21.87 -11.50 -13.82
CA LEU A 230 20.75 -12.43 -13.75
C LEU A 230 21.03 -13.48 -12.65
N ILE A 231 20.17 -13.50 -11.63
CA ILE A 231 20.32 -14.38 -10.48
C ILE A 231 19.22 -15.46 -10.47
N THR A 232 19.64 -16.72 -10.47
CA THR A 232 18.75 -17.88 -10.42
C THR A 232 18.83 -18.48 -9.00
N TYR A 233 17.67 -18.72 -8.39
CA TYR A 233 17.60 -19.06 -6.98
C TYR A 233 16.32 -19.81 -6.62
N GLN A 234 16.31 -20.37 -5.42
CA GLN A 234 15.10 -20.84 -4.77
C GLN A 234 14.92 -20.10 -3.44
N ILE A 235 13.67 -19.87 -3.01
CA ILE A 235 13.44 -19.46 -1.62
C ILE A 235 13.59 -20.72 -0.74
N MET A 236 14.03 -20.57 0.49
CA MET A 236 14.27 -21.73 1.37
CA MET A 236 14.29 -21.71 1.40
C MET A 236 13.25 -21.77 2.52
N ARG A 237 12.71 -22.96 2.77
CA ARG A 237 11.73 -23.15 3.87
C ARG A 237 12.43 -22.93 5.21
N PRO A 238 11.91 -22.01 6.05
CA PRO A 238 12.52 -21.84 7.38
C PRO A 238 12.54 -23.15 8.18
N GLU A 239 13.61 -23.37 8.93
CA GLU A 239 13.69 -24.53 9.83
C GLU A 239 12.90 -24.23 11.09
N GLY A 240 13.21 -23.08 11.69
CA GLY A 240 12.57 -22.68 12.96
C GLY A 240 13.58 -22.68 14.10
N GLY B 30 -0.51 -10.11 14.95
CA GLY B 30 -1.06 -11.21 14.10
C GLY B 30 -1.88 -10.71 12.90
N THR B 31 -1.70 -9.46 12.52
CA THR B 31 -2.42 -8.91 11.37
C THR B 31 -1.63 -9.14 10.10
N ILE B 32 -2.30 -9.64 9.07
CA ILE B 32 -1.73 -9.62 7.73
C ILE B 32 -2.64 -8.83 6.76
N LEU B 33 -1.99 -8.20 5.78
CA LEU B 33 -2.67 -7.36 4.81
C LEU B 33 -2.53 -7.99 3.43
N ILE B 34 -3.66 -8.24 2.78
CA ILE B 34 -3.71 -8.86 1.44
C ILE B 34 -4.18 -7.81 0.43
N ASP B 35 -3.38 -7.54 -0.60
CA ASP B 35 -3.78 -6.59 -1.64
C ASP B 35 -4.91 -7.09 -2.50
N LEU B 36 -5.85 -6.21 -2.82
CA LEU B 36 -6.87 -6.54 -3.81
C LEU B 36 -6.43 -6.01 -5.17
N SER B 37 -6.64 -6.81 -6.22
CA SER B 37 -6.34 -6.37 -7.58
C SER B 37 -7.40 -5.37 -8.03
N PRO B 38 -6.99 -4.31 -8.75
CA PRO B 38 -7.99 -3.39 -9.32
C PRO B 38 -9.00 -4.06 -10.27
N ASP B 39 -8.63 -5.22 -10.83
CA ASP B 39 -9.53 -5.99 -11.70
C ASP B 39 -10.57 -6.84 -10.95
N ASP B 40 -10.44 -6.92 -9.63
CA ASP B 40 -11.32 -7.70 -8.75
C ASP B 40 -12.58 -6.85 -8.45
N LYS B 41 -13.75 -7.47 -8.56
CA LYS B 41 -15.00 -6.80 -8.22
C LYS B 41 -15.04 -6.23 -6.81
N GLU B 42 -14.36 -6.88 -5.87
CA GLU B 42 -14.33 -6.41 -4.50
C GLU B 42 -13.63 -5.05 -4.40
N PHE B 43 -12.51 -4.90 -5.10
CA PHE B 43 -11.76 -3.65 -5.17
C PHE B 43 -12.69 -2.60 -5.74
N GLN B 44 -13.36 -2.96 -6.83
CA GLN B 44 -14.19 -2.01 -7.56
C GLN B 44 -15.36 -1.50 -6.72
N SER B 45 -15.96 -2.37 -5.93
CA SER B 45 -17.09 -2.00 -5.09
CA SER B 45 -17.09 -2.00 -5.09
C SER B 45 -16.64 -1.06 -3.96
N VAL B 46 -15.49 -1.35 -3.34
CA VAL B 46 -14.96 -0.48 -2.30
C VAL B 46 -14.60 0.91 -2.84
N GLU B 47 -13.94 0.98 -4.01
CA GLU B 47 -13.68 2.26 -4.65
C GLU B 47 -14.97 3.05 -4.92
N GLU B 48 -16.00 2.37 -5.43
CA GLU B 48 -17.26 3.08 -5.72
C GLU B 48 -17.93 3.62 -4.44
N GLU B 49 -17.83 2.89 -3.34
CA GLU B 49 -18.37 3.37 -2.07
C GLU B 49 -17.60 4.64 -1.64
N MET B 50 -16.28 4.61 -1.73
CA MET B 50 -15.44 5.81 -1.52
C MET B 50 -15.87 7.02 -2.38
N GLN B 51 -15.84 6.84 -3.69
CA GLN B 51 -16.07 7.91 -4.66
C GLN B 51 -17.51 8.46 -4.62
N SER B 52 -18.50 7.58 -4.49
CA SER B 52 -19.89 7.99 -4.54
C SER B 52 -20.36 8.68 -3.25
N THR B 53 -19.59 8.60 -2.16
CA THR B 53 -19.98 9.23 -0.89
C THR B 53 -19.17 10.48 -0.50
N VAL B 54 -18.44 11.05 -1.47
CA VAL B 54 -17.84 12.38 -1.33
C VAL B 54 -18.95 13.43 -1.39
N ARG B 55 -18.89 14.41 -0.49
CA ARG B 55 -19.80 15.53 -0.53
C ARG B 55 -19.03 16.81 -0.23
N GLU B 56 -19.71 17.94 -0.38
CA GLU B 56 -19.22 19.24 0.07
C GLU B 56 -19.39 19.38 1.58
N HIS B 57 -18.43 20.07 2.19
CA HIS B 57 -18.44 20.28 3.62
C HIS B 57 -18.62 21.77 3.92
N ARG B 58 -19.25 22.08 5.05
CA ARG B 58 -19.64 23.44 5.41
C ARG B 58 -18.41 24.31 5.75
N ASP B 59 -17.25 23.68 6.00
CA ASP B 59 -16.00 24.41 6.19
C ASP B 59 -15.27 24.80 4.90
N GLY B 60 -15.92 24.63 3.75
CA GLY B 60 -15.29 24.94 2.44
C GLY B 60 -14.02 24.14 2.15
N GLY B 61 -13.81 23.02 2.85
CA GLY B 61 -12.55 22.25 2.70
C GLY B 61 -11.44 22.49 3.70
N HIS B 62 -11.70 23.31 4.72
CA HIS B 62 -10.69 23.63 5.73
C HIS B 62 -10.04 22.39 6.38
N ALA B 63 -10.87 21.47 6.85
CA ALA B 63 -10.36 20.33 7.61
C ALA B 63 -9.74 19.25 6.70
N GLY B 64 -10.45 18.89 5.63
CA GLY B 64 -10.04 17.76 4.79
C GLY B 64 -9.45 18.03 3.42
N GLY B 65 -9.51 19.29 3.01
CA GLY B 65 -9.10 19.70 1.66
C GLY B 65 -10.22 19.93 0.67
N ILE B 66 -9.85 20.47 -0.50
CA ILE B 66 -10.81 20.77 -1.56
C ILE B 66 -10.68 19.72 -2.63
N PHE B 67 -11.76 18.98 -2.86
CA PHE B 67 -11.77 17.87 -3.83
C PHE B 67 -13.18 17.38 -4.07
N ASN B 68 -13.40 16.80 -5.23
CA ASN B 68 -14.64 16.10 -5.58
C ASN B 68 -14.46 14.56 -5.71
N ARG B 69 -13.22 14.10 -5.84
CA ARG B 69 -12.96 12.67 -6.02
C ARG B 69 -11.56 12.32 -5.54
N TYR B 70 -11.27 11.03 -5.50
CA TYR B 70 -10.02 10.50 -4.99
C TYR B 70 -9.22 9.79 -6.09
N ASN B 71 -7.90 9.79 -5.95
CA ASN B 71 -7.06 8.79 -6.65
C ASN B 71 -6.77 7.61 -5.68
N ILE B 72 -7.45 6.47 -5.90
CA ILE B 72 -7.24 5.27 -5.07
C ILE B 72 -5.94 4.56 -5.50
N LEU B 73 -4.99 4.42 -4.59
CA LEU B 73 -3.68 3.85 -4.88
C LEU B 73 -3.60 2.37 -4.49
N LYS B 74 -4.31 1.96 -3.42
CA LYS B 74 -4.29 0.59 -2.94
C LYS B 74 -5.50 0.30 -2.03
N ILE B 75 -5.98 -0.94 -2.06
CA ILE B 75 -7.03 -1.40 -1.15
C ILE B 75 -6.60 -2.79 -0.64
N GLN B 76 -6.41 -2.90 0.67
CA GLN B 76 -5.99 -4.16 1.29
C GLN B 76 -7.04 -4.70 2.26
N LYS B 77 -7.24 -6.02 2.25
CA LYS B 77 -8.02 -6.70 3.29
C LYS B 77 -7.16 -6.88 4.53
N VAL B 78 -7.74 -6.58 5.68
CA VAL B 78 -7.06 -6.69 6.98
C VAL B 78 -7.51 -8.02 7.61
N CYS B 79 -6.56 -8.92 7.84
CA CYS B 79 -6.87 -10.26 8.35
C CYS B 79 -6.17 -10.49 9.68
N ASN B 80 -6.97 -10.67 10.72
CA ASN B 80 -6.48 -10.96 12.05
C ASN B 80 -7.50 -11.89 12.71
N LYS B 81 -7.12 -13.14 12.92
CA LYS B 81 -8.02 -14.14 13.49
C LYS B 81 -8.53 -13.74 14.88
N LYS B 82 -7.63 -13.33 15.76
CA LYS B 82 -8.03 -12.96 17.12
C LYS B 82 -8.98 -11.73 17.15
N LEU B 83 -8.67 -10.70 16.35
CA LEU B 83 -9.51 -9.50 16.32
C LEU B 83 -10.89 -9.83 15.73
N TRP B 84 -10.93 -10.76 14.76
CA TRP B 84 -12.17 -11.16 14.12
C TRP B 84 -13.10 -11.94 15.10
N GLU B 85 -12.51 -12.85 15.86
CA GLU B 85 -13.25 -13.58 16.90
C GLU B 85 -13.77 -12.66 18.02
N ARG B 86 -12.96 -11.70 18.44
CA ARG B 86 -13.42 -10.65 19.34
C ARG B 86 -14.68 -9.96 18.79
N TYR B 87 -14.62 -9.55 17.51
CA TYR B 87 -15.74 -8.88 16.85
C TYR B 87 -17.00 -9.78 16.77
N THR B 88 -16.84 -11.01 16.27
CA THR B 88 -17.98 -11.92 16.11
C THR B 88 -18.62 -12.37 17.43
N HIS B 89 -17.83 -12.48 18.48
CA HIS B 89 -18.34 -12.78 19.82
C HIS B 89 -19.27 -11.65 20.31
N ARG B 90 -18.79 -10.42 20.19
CA ARG B 90 -19.61 -9.27 20.59
C ARG B 90 -20.84 -9.13 19.71
N ARG B 91 -20.72 -9.41 18.42
CA ARG B 91 -21.84 -9.28 17.49
C ARG B 91 -22.98 -10.23 17.89
N LYS B 92 -22.60 -11.42 18.34
CA LYS B 92 -23.57 -12.44 18.79
C LYS B 92 -24.31 -12.00 20.05
N GLU B 93 -23.62 -11.37 20.99
CA GLU B 93 -24.23 -10.82 22.21
C GLU B 93 -25.23 -9.71 21.89
N VAL B 94 -24.81 -8.78 21.02
CA VAL B 94 -25.65 -7.66 20.63
C VAL B 94 -26.87 -8.16 19.86
N SER B 95 -26.64 -9.06 18.91
CA SER B 95 -27.70 -9.67 18.13
C SER B 95 -28.77 -10.33 19.01
N GLU B 96 -28.34 -11.11 20.01
CA GLU B 96 -29.29 -11.77 20.92
C GLU B 96 -30.05 -10.76 21.80
N GLU B 97 -29.37 -9.72 22.26
CA GLU B 97 -30.01 -8.66 23.03
C GLU B 97 -31.00 -7.84 22.21
N ASN B 98 -30.79 -7.76 20.88
CA ASN B 98 -31.64 -6.99 19.96
C ASN B 98 -32.57 -7.88 19.15
N HIS B 99 -32.99 -8.99 19.75
CA HIS B 99 -33.97 -9.91 19.15
C HIS B 99 -33.54 -10.45 17.77
N ASN B 100 -32.30 -10.95 17.75
CA ASN B 100 -31.64 -11.58 16.60
CA ASN B 100 -31.70 -11.61 16.57
C ASN B 100 -31.45 -10.64 15.40
N HIS B 101 -30.99 -9.43 15.72
CA HIS B 101 -30.68 -8.37 14.73
C HIS B 101 -29.38 -7.64 15.12
N ALA B 102 -28.30 -7.97 14.44
CA ALA B 102 -27.02 -7.34 14.64
C ALA B 102 -27.05 -5.88 14.21
N ASN B 103 -27.82 -5.58 13.16
CA ASN B 103 -27.88 -4.22 12.58
C ASN B 103 -26.47 -3.81 12.11
N GLU B 104 -25.86 -4.68 11.32
CA GLU B 104 -24.45 -4.54 10.94
C GLU B 104 -24.29 -3.72 9.66
N ARG B 105 -23.33 -2.79 9.68
CA ARG B 105 -23.09 -1.89 8.55
C ARG B 105 -21.60 -1.88 8.13
N MET B 106 -21.34 -1.38 6.92
CA MET B 106 -19.98 -1.03 6.49
C MET B 106 -19.92 0.49 6.50
N LEU B 107 -18.99 1.04 7.28
CA LEU B 107 -18.86 2.47 7.48
C LEU B 107 -17.40 2.90 7.45
N PHE B 108 -17.13 4.16 7.12
CA PHE B 108 -15.75 4.66 7.08
C PHE B 108 -15.23 5.13 8.45
N HIS B 109 -13.91 5.03 8.66
CA HIS B 109 -13.25 5.64 9.81
C HIS B 109 -11.91 6.26 9.41
N GLY B 110 -11.72 7.53 9.75
CA GLY B 110 -10.45 8.22 9.53
C GLY B 110 -9.85 8.57 10.86
N SER B 111 -8.53 8.39 10.99
CA SER B 111 -7.85 8.66 12.24
C SER B 111 -6.34 8.63 12.07
N PRO B 112 -5.62 9.46 12.86
CA PRO B 112 -4.15 9.34 12.90
C PRO B 112 -3.68 8.01 13.53
N PHE B 113 -4.58 7.23 14.13
CA PHE B 113 -4.18 6.01 14.82
C PHE B 113 -4.44 4.76 13.96
N VAL B 114 -4.71 4.97 12.67
CA VAL B 114 -5.10 3.93 11.75
C VAL B 114 -4.12 2.73 11.76
N ASN B 115 -2.82 2.99 11.84
CA ASN B 115 -1.87 1.85 11.84
C ASN B 115 -1.82 1.09 13.17
N ALA B 116 -2.13 1.74 14.28
CA ALA B 116 -2.37 1.04 15.55
C ALA B 116 -3.65 0.17 15.50
N ILE B 117 -4.72 0.73 14.94
CA ILE B 117 -6.01 0.07 14.90
C ILE B 117 -5.98 -1.27 14.18
N ILE B 118 -5.32 -1.31 13.04
CA ILE B 118 -5.27 -2.54 12.27
C ILE B 118 -4.48 -3.67 12.96
N HIS B 119 -3.61 -3.32 13.90
CA HIS B 119 -2.80 -4.30 14.63
C HIS B 119 -3.41 -4.68 15.95
N LYS B 120 -3.90 -3.69 16.68
CA LYS B 120 -4.39 -3.88 18.04
C LYS B 120 -5.92 -3.88 18.13
N GLY B 121 -6.61 -3.43 17.09
CA GLY B 121 -8.08 -3.35 17.12
C GLY B 121 -8.53 -2.03 17.72
N PHE B 122 -9.83 -1.74 17.62
CA PHE B 122 -10.38 -0.51 18.20
C PHE B 122 -10.47 -0.64 19.72
N ASP B 123 -10.11 0.40 20.46
CA ASP B 123 -10.44 0.46 21.89
C ASP B 123 -10.48 1.93 22.35
N GLU B 124 -10.58 2.14 23.65
CA GLU B 124 -10.79 3.49 24.20
C GLU B 124 -9.83 4.57 23.69
N ARG B 125 -8.60 4.22 23.33
CA ARG B 125 -7.62 5.24 22.84
C ARG B 125 -8.01 5.85 21.49
N HIS B 126 -8.97 5.23 20.80
CA HIS B 126 -9.40 5.69 19.46
C HIS B 126 -10.72 6.46 19.49
N ALA B 127 -11.21 6.72 20.70
CA ALA B 127 -12.46 7.41 20.92
C ALA B 127 -12.24 8.89 20.69
N TYR B 128 -13.30 9.61 20.37
CA TYR B 128 -13.25 11.05 20.15
C TYR B 128 -13.94 11.63 21.36
N ILE B 129 -13.14 12.11 22.32
CA ILE B 129 -13.66 12.51 23.62
C ILE B 129 -14.66 13.67 23.49
N GLY B 130 -14.34 14.66 22.68
CA GLY B 130 -15.25 15.81 22.50
C GLY B 130 -16.28 15.70 21.39
N GLY B 131 -16.58 14.48 20.96
CA GLY B 131 -17.60 14.27 19.94
C GLY B 131 -18.97 14.77 20.42
N MET B 132 -19.82 15.14 19.48
CA MET B 132 -21.18 15.63 19.77
C MET B 132 -22.12 14.61 20.44
N PHE B 133 -21.85 13.31 20.29
CA PHE B 133 -22.64 12.25 20.92
C PHE B 133 -21.85 11.54 22.02
N GLY B 134 -21.00 12.29 22.71
CA GLY B 134 -20.22 11.75 23.81
C GLY B 134 -18.97 11.03 23.35
N ALA B 135 -18.19 10.61 24.34
CA ALA B 135 -16.89 10.01 24.14
C ALA B 135 -17.05 8.58 23.64
N GLY B 136 -16.99 8.40 22.33
CA GLY B 136 -17.08 7.07 21.72
C GLY B 136 -16.32 6.99 20.40
N ILE B 137 -16.49 5.91 19.68
CA ILE B 137 -15.75 5.72 18.43
C ILE B 137 -16.72 6.03 17.28
N TYR B 138 -16.31 6.97 16.41
CA TYR B 138 -17.15 7.55 15.37
C TYR B 138 -16.90 6.98 13.98
N PHE B 139 -17.98 6.79 13.23
CA PHE B 139 -17.94 6.27 11.88
C PHE B 139 -18.86 7.09 10.97
N ALA B 140 -18.53 7.15 9.68
CA ALA B 140 -19.31 7.93 8.70
C ALA B 140 -19.75 7.13 7.48
N GLU B 141 -20.95 7.44 6.99
CA GLU B 141 -21.40 6.98 5.68
C GLU B 141 -20.70 7.80 4.59
N ASN B 142 -20.41 9.08 4.85
CA ASN B 142 -19.64 9.91 3.89
C ASN B 142 -18.15 9.64 4.01
N SER B 143 -17.53 9.12 2.95
CA SER B 143 -16.08 8.96 2.94
C SER B 143 -15.34 10.29 3.24
N SER B 144 -15.86 11.39 2.70
CA SER B 144 -15.23 12.71 2.85
C SER B 144 -15.32 13.25 4.28
N LYS B 145 -16.32 12.83 5.05
CA LYS B 145 -16.38 13.17 6.50
C LYS B 145 -15.21 12.51 7.25
N SER B 146 -15.01 11.21 7.03
CA SER B 146 -13.87 10.52 7.66
C SER B 146 -12.53 11.07 7.17
N ASN B 147 -12.44 11.47 5.90
CA ASN B 147 -11.23 12.16 5.37
C ASN B 147 -10.81 13.40 6.21
N GLN B 148 -11.78 14.11 6.77
CA GLN B 148 -11.49 15.27 7.64
C GLN B 148 -10.65 14.96 8.89
N TYR B 149 -10.53 13.68 9.27
CA TYR B 149 -9.83 13.28 10.51
C TYR B 149 -8.53 12.50 10.32
N VAL B 150 -8.17 12.24 9.07
CA VAL B 150 -6.95 11.50 8.71
C VAL B 150 -5.74 12.13 9.38
N TYR B 151 -5.70 13.46 9.40
CA TYR B 151 -4.58 14.15 10.05
C TYR B 151 -4.93 14.68 11.45
N GLY B 152 -6.01 14.17 12.04
CA GLY B 152 -6.41 14.53 13.41
C GLY B 152 -7.69 15.36 13.45
N ILE B 153 -8.13 15.73 14.66
CA ILE B 153 -9.34 16.51 14.85
C ILE B 153 -9.21 17.83 14.10
N GLY B 154 -10.19 18.13 13.26
CA GLY B 154 -10.20 19.37 12.47
C GLY B 154 -9.16 19.42 11.35
N GLY B 155 -8.65 18.24 10.97
CA GLY B 155 -7.51 18.12 10.07
C GLY B 155 -6.13 18.41 10.69
N GLY B 156 -6.09 18.68 12.00
CA GLY B 156 -4.85 19.05 12.68
C GLY B 156 -4.10 20.12 11.92
N THR B 157 -2.81 19.93 11.71
CA THR B 157 -1.99 20.83 10.91
C THR B 157 -1.73 20.28 9.49
N GLY B 158 -2.52 19.30 9.05
CA GLY B 158 -2.39 18.74 7.70
C GLY B 158 -1.27 17.70 7.58
N CYS B 159 -0.79 17.46 6.36
CA CYS B 159 0.20 16.40 6.16
C CYS B 159 1.50 16.73 6.89
N PRO B 160 2.24 15.70 7.34
CA PRO B 160 3.51 15.94 8.02
C PRO B 160 4.53 16.70 7.18
N VAL B 161 4.58 16.41 5.89
CA VAL B 161 5.64 16.93 5.03
C VAL B 161 5.38 18.38 4.61
N HIS B 162 4.13 18.73 4.31
CA HIS B 162 3.84 20.06 3.80
C HIS B 162 3.03 20.98 4.74
N LYS B 163 2.53 20.44 5.85
CA LYS B 163 1.59 21.16 6.73
C LYS B 163 0.40 21.73 5.94
N ASP B 164 -0.18 20.88 5.08
CA ASP B 164 -1.24 21.28 4.17
C ASP B 164 -2.42 20.30 4.33
N ARG B 165 -3.50 20.77 4.95
CA ARG B 165 -4.71 19.96 5.09
C ARG B 165 -5.34 19.59 3.73
N SER B 166 -5.05 20.35 2.69
CA SER B 166 -5.51 20.03 1.33
C SER B 166 -4.37 19.46 0.44
N CYS B 167 -3.41 18.73 1.03
CA CYS B 167 -2.25 18.24 0.25
C CYS B 167 -2.72 17.27 -0.79
N TYR B 168 -2.36 17.51 -2.05
CA TYR B 168 -2.65 16.61 -3.18
C TYR B 168 -1.49 15.65 -3.52
N ILE B 169 -0.39 15.78 -2.81
CA ILE B 169 0.80 14.95 -3.07
C ILE B 169 0.86 13.77 -2.12
N CYS B 170 0.72 14.02 -0.83
CA CYS B 170 0.99 12.99 0.19
C CYS B 170 -0.14 11.96 0.28
N HIS B 171 0.24 10.70 0.52
CA HIS B 171 -0.69 9.58 0.53
C HIS B 171 -1.44 9.55 1.86
N ARG B 172 -2.76 9.32 1.80
CA ARG B 172 -3.62 9.22 2.99
C ARG B 172 -4.11 7.79 3.14
N GLN B 173 -4.60 7.43 4.32
CA GLN B 173 -5.27 6.14 4.52
C GLN B 173 -6.56 6.26 5.34
N LEU B 174 -7.60 5.52 4.93
CA LEU B 174 -8.89 5.39 5.62
C LEU B 174 -9.17 3.91 5.84
N LEU B 175 -10.01 3.61 6.83
CA LEU B 175 -10.54 2.25 7.01
C LEU B 175 -11.98 2.20 6.56
N PHE B 176 -12.39 1.05 6.02
CA PHE B 176 -13.77 0.77 5.69
C PHE B 176 -14.06 -0.46 6.54
N CYS B 177 -14.96 -0.29 7.51
CA CYS B 177 -15.08 -1.18 8.65
C CYS B 177 -16.46 -1.82 8.77
N ARG B 178 -16.47 -3.00 9.36
CA ARG B 178 -17.69 -3.70 9.68
C ARG B 178 -18.08 -3.23 11.09
N VAL B 179 -19.30 -2.69 11.25
CA VAL B 179 -19.75 -2.08 12.52
C VAL B 179 -21.11 -2.64 12.98
N THR B 180 -21.18 -3.13 14.22
CA THR B 180 -22.42 -3.68 14.79
C THR B 180 -23.14 -2.56 15.54
N LEU B 181 -24.29 -2.13 15.04
CA LEU B 181 -25.01 -1.03 15.69
C LEU B 181 -26.06 -1.49 16.73
N GLY B 182 -26.57 -2.71 16.59
CA GLY B 182 -27.64 -3.22 17.48
C GLY B 182 -28.80 -2.23 17.52
N LYS B 183 -29.43 -2.07 18.69
CA LYS B 183 -30.48 -1.06 18.83
C LYS B 183 -29.82 0.29 18.91
N SER B 184 -30.00 1.11 17.88
CA SER B 184 -29.30 2.38 17.79
C SER B 184 -30.24 3.54 18.17
N PHE B 185 -29.75 4.40 19.06
CA PHE B 185 -30.52 5.59 19.47
C PHE B 185 -30.41 6.67 18.41
N LEU B 186 -31.55 7.07 17.86
CA LEU B 186 -31.61 8.09 16.84
C LEU B 186 -31.48 9.49 17.45
N GLN B 187 -30.41 10.19 17.12
CA GLN B 187 -30.21 11.56 17.58
C GLN B 187 -30.14 12.49 16.35
N PHE B 188 -31.10 13.39 16.20
CA PHE B 188 -31.03 14.37 15.11
C PHE B 188 -30.06 15.47 15.50
N SER B 189 -29.21 15.90 14.57
CA SER B 189 -28.20 16.92 14.87
C SER B 189 -28.42 18.10 13.97
N ALA B 190 -28.03 19.28 14.43
CA ALA B 190 -28.28 20.53 13.71
C ALA B 190 -27.34 20.76 12.50
N MET B 191 -26.44 19.82 12.23
CA MET B 191 -25.47 19.97 11.14
C MET B 191 -26.07 19.85 9.72
N MET B 193 -14.25 6.22 28.37
CA MET B 193 -15.22 6.18 27.28
C MET B 193 -16.67 6.15 27.85
N ALA B 194 -17.57 6.94 27.25
CA ALA B 194 -18.98 7.03 27.68
C ALA B 194 -19.72 5.72 27.45
N HIS B 195 -21.00 5.69 27.81
CA HIS B 195 -21.83 4.49 27.64
C HIS B 195 -22.96 4.78 26.68
N SER B 196 -23.44 3.72 26.01
CA SER B 196 -24.61 3.83 25.16
C SER B 196 -25.78 4.26 26.03
N PRO B 197 -26.82 4.84 25.42
CA PRO B 197 -28.07 5.08 26.15
C PRO B 197 -28.64 3.76 26.67
N PRO B 198 -29.22 3.78 27.89
CA PRO B 198 -29.83 2.54 28.39
C PRO B 198 -30.71 1.84 27.36
N GLY B 199 -30.48 0.55 27.19
CA GLY B 199 -31.24 -0.26 26.26
C GLY B 199 -30.75 -0.22 24.82
N HIS B 200 -29.72 0.59 24.55
CA HIS B 200 -29.22 0.78 23.17
C HIS B 200 -27.74 0.37 23.08
N HIS B 201 -27.30 -0.01 21.87
CA HIS B 201 -25.91 -0.43 21.63
C HIS B 201 -25.09 0.57 20.81
N SER B 202 -25.71 1.66 20.36
CA SER B 202 -25.04 2.69 19.59
C SER B 202 -25.92 3.92 19.47
N VAL B 203 -25.32 4.98 18.91
CA VAL B 203 -26.04 6.21 18.57
C VAL B 203 -25.91 6.52 17.08
N THR B 204 -27.03 6.91 16.48
CA THR B 204 -27.11 7.40 15.09
C THR B 204 -27.31 8.92 15.10
N GLY B 205 -26.32 9.65 14.57
CA GLY B 205 -26.35 11.10 14.47
C GLY B 205 -26.76 11.47 13.06
N ARG B 206 -27.98 11.95 12.89
CA ARG B 206 -28.53 12.17 11.56
C ARG B 206 -28.66 13.65 11.31
N PRO B 207 -27.83 14.21 10.41
CA PRO B 207 -27.95 15.65 10.14
C PRO B 207 -29.34 16.06 9.65
N SER B 208 -29.92 17.08 10.26
CA SER B 208 -31.29 17.52 9.98
C SER B 208 -31.39 18.84 9.20
N VAL B 209 -30.28 19.58 9.08
CA VAL B 209 -30.28 20.82 8.27
C VAL B 209 -29.73 20.55 6.87
N ASN B 210 -28.47 20.12 6.75
CA ASN B 210 -27.91 19.79 5.44
C ASN B 210 -28.47 18.46 4.90
N GLY B 211 -29.36 18.55 3.93
CA GLY B 211 -30.01 17.36 3.39
C GLY B 211 -29.14 16.40 2.58
N LEU B 212 -27.96 16.85 2.14
CA LEU B 212 -27.03 15.95 1.43
C LEU B 212 -26.00 15.28 2.34
N ALA B 213 -25.99 15.65 3.62
CA ALA B 213 -25.07 15.02 4.57
C ALA B 213 -25.63 13.67 5.03
N LEU B 214 -24.79 12.64 4.98
CA LEU B 214 -25.24 11.30 5.39
C LEU B 214 -25.04 11.12 6.91
N ALA B 215 -25.50 10.00 7.44
CA ALA B 215 -25.46 9.79 8.92
C ALA B 215 -24.06 9.47 9.44
N GLU B 216 -23.87 9.78 10.72
CA GLU B 216 -22.67 9.44 11.49
C GLU B 216 -23.10 8.50 12.63
N TYR B 217 -22.22 7.57 13.04
CA TYR B 217 -22.56 6.55 14.04
C TYR B 217 -21.52 6.46 15.12
N VAL B 218 -21.97 6.20 16.35
CA VAL B 218 -21.09 6.10 17.50
C VAL B 218 -21.27 4.78 18.23
N ILE B 219 -20.16 4.11 18.49
CA ILE B 219 -20.16 2.92 19.36
C ILE B 219 -19.33 3.23 20.58
N TYR B 220 -19.59 2.52 21.68
CA TYR B 220 -18.93 2.78 22.96
C TYR B 220 -18.14 1.56 23.46
N ARG B 221 -18.00 0.57 22.61
CA ARG B 221 -17.18 -0.61 22.84
C ARG B 221 -16.41 -0.88 21.55
N GLY B 222 -15.08 -1.03 21.65
CA GLY B 222 -14.25 -1.26 20.46
C GLY B 222 -14.54 -2.58 19.77
N GLU B 223 -15.00 -3.55 20.54
CA GLU B 223 -15.35 -4.86 20.01
C GLU B 223 -16.52 -4.88 19.03
N GLN B 224 -17.29 -3.79 18.94
CA GLN B 224 -18.37 -3.69 17.95
C GLN B 224 -17.93 -3.17 16.59
N ALA B 225 -16.62 -3.09 16.34
CA ALA B 225 -16.13 -2.76 14.99
C ALA B 225 -14.91 -3.62 14.57
N TYR B 226 -14.81 -3.92 13.28
CA TYR B 226 -13.65 -4.64 12.73
C TYR B 226 -13.10 -3.85 11.52
N PRO B 227 -11.80 -3.47 11.53
CA PRO B 227 -11.21 -2.67 10.44
C PRO B 227 -10.94 -3.55 9.21
N GLU B 228 -11.96 -3.86 8.44
CA GLU B 228 -11.87 -4.86 7.38
C GLU B 228 -11.04 -4.49 6.14
N TYR B 229 -11.13 -3.23 5.69
CA TYR B 229 -10.33 -2.76 4.56
C TYR B 229 -9.49 -1.55 4.91
N LEU B 230 -8.26 -1.52 4.40
CA LEU B 230 -7.33 -0.39 4.51
C LEU B 230 -7.12 0.22 3.13
N ILE B 231 -7.53 1.48 2.98
CA ILE B 231 -7.57 2.13 1.67
C ILE B 231 -6.52 3.22 1.67
N THR B 232 -5.61 3.19 0.69
CA THR B 232 -4.57 4.20 0.50
C THR B 232 -4.90 5.07 -0.72
N TYR B 233 -4.84 6.40 -0.57
CA TYR B 233 -5.35 7.32 -1.60
C TYR B 233 -4.77 8.74 -1.52
N GLN B 234 -5.04 9.52 -2.58
CA GLN B 234 -4.80 10.96 -2.59
C GLN B 234 -6.14 11.64 -2.89
N ILE B 235 -6.38 12.82 -2.34
CA ILE B 235 -7.47 13.66 -2.81
C ILE B 235 -6.98 14.31 -4.12
N MET B 236 -7.88 14.57 -5.08
CA MET B 236 -7.51 15.14 -6.39
C MET B 236 -7.97 16.59 -6.51
N ARG B 237 -7.09 17.45 -7.02
CA ARG B 237 -7.42 18.87 -7.24
C ARG B 237 -8.48 19.01 -8.35
N PRO B 238 -9.61 19.68 -8.08
CA PRO B 238 -10.60 19.86 -9.14
C PRO B 238 -10.04 20.62 -10.35
N GLU B 239 -10.47 20.29 -11.57
CA GLU B 239 -10.01 21.03 -12.77
C GLU B 239 -10.75 22.35 -12.96
ZN ZN C . 6.67 -24.91 -8.20
S SO4 D . 5.01 -5.12 2.20
S SO4 D . 5.23 -4.77 2.23
O1 SO4 D . 4.31 -6.40 2.08
O1 SO4 D . 5.82 -3.42 2.32
O2 SO4 D . 4.07 -4.02 2.09
O2 SO4 D . 5.71 -5.50 1.06
O3 SO4 D . 5.71 -5.02 3.48
O3 SO4 D . 5.56 -5.51 3.44
O4 SO4 D . 5.98 -5.02 1.12
O4 SO4 D . 3.79 -4.62 2.10
S SO4 E . 16.13 -20.33 8.31
O1 SO4 E . 16.03 -20.36 6.85
O2 SO4 E . 15.33 -19.23 8.84
O3 SO4 E . 15.67 -21.58 8.89
O4 SO4 E . 17.52 -20.06 8.68
CAA R4E F . 10.08 -3.57 -6.87
CAB R4E F . 9.53 -2.66 -5.98
CAC R4E F . 8.19 -2.24 -6.10
CAD R4E F . 7.41 -2.71 -7.16
CAE R4E F . 7.96 -3.64 -8.05
CAF R4E F . 9.29 -4.07 -7.91
CAG R4E F . 9.84 -4.98 -8.81
CAH R4E F . 7.20 -4.13 -9.12
CAI R4E F . 7.75 -5.03 -10.02
NAJ R4E F . 9.06 -5.45 -9.85
OAK R4E F . 10.98 -5.44 -8.72
CAL R4E F . 7.01 -5.65 -11.23
NAM R4E F . 6.12 -2.30 -7.25
CAN R4E F . 5.79 -4.90 -11.78
CAO R4E F . 5.51 -5.32 -13.26
CAP R4E F . 5.34 -6.84 -13.40
CAQ R4E F . 4.37 -7.19 -14.55
ZN ZN G . 1.87 16.79 1.77
S SO4 H . -19.49 19.53 7.66
S SO4 H . -19.88 19.22 7.80
O1 SO4 H . -19.17 18.13 7.92
O1 SO4 H . -20.14 19.75 6.47
O2 SO4 H . -20.25 19.61 6.42
O2 SO4 H . -18.64 18.42 7.77
O3 SO4 H . -20.31 20.01 8.77
O3 SO4 H . -19.69 20.29 8.76
O4 SO4 H . -18.28 20.33 7.55
O4 SO4 H . -21.02 18.42 8.24
S SO4 I . -13.02 17.10 -10.95
O1 SO4 I . -13.76 16.13 -11.74
O2 SO4 I . -13.97 17.82 -10.14
O3 SO4 I . -12.02 16.42 -10.11
O4 SO4 I . -12.31 18.08 -11.79
CAA R4E J . -16.61 10.14 11.32
CAB R4E J . -17.74 10.90 11.63
CAC R4E J . -17.73 11.82 12.67
CAD R4E J . -16.58 11.98 13.43
CAE R4E J . -15.43 11.20 13.16
CAF R4E J . -15.44 10.28 12.09
CAG R4E J . -14.30 9.51 11.77
CAH R4E J . -14.26 11.30 13.93
CAI R4E J . -13.13 10.52 13.62
NAJ R4E J . -13.15 9.64 12.54
OAK R4E J . -14.23 8.70 10.84
CAL R4E J . -11.79 10.56 14.37
NAM R4E J . -16.66 12.86 14.43
CAN R4E J . -11.85 11.18 15.78
CAO R4E J . -10.71 10.69 16.69
CAP R4E J . -9.31 11.07 16.18
CAQ R4E J . -8.25 10.86 17.28
#